data_7IIZ
#
_entry.id   7IIZ
#
_cell.length_a   88.736
_cell.length_b   88.736
_cell.length_c   39.549
_cell.angle_alpha   90.000
_cell.angle_beta   90.000
_cell.angle_gamma   90.000
#
_symmetry.space_group_name_H-M   'P 43'
#
loop_
_entity.id
_entity.type
_entity.pdbx_description
1 polymer 'Non-structural protein 3'
2 non-polymer '(3S)-3-(4-bromophenyl)-3-[(9H-purine-6-carbonyl)amino]propanoic acid'
3 non-polymer '(3R)-3-(4-bromophenyl)-3-[(9H-purine-6-carbonyl)amino]propanoic acid'
4 water water
#
_entity_poly.entity_id   1
_entity_poly.type   'polypeptide(L)'
_entity_poly.pdbx_seq_one_letter_code
;SMVNSFSGYLKLTDNVYIKNADIVEEAKKVKPTVVVNAANVYLKHGGGVAGALNKATNNAMQVESDDYIATNGPLKVGGS
CVLSGHNLAKHCLHVVGPNVNKGEDIQLLKSAYENFNQHEVLLAPLLSAGIFGADPIHSLRVCVDTVRTNVYLAVFDKNL
YDKLVSSFL
;
_entity_poly.pdbx_strand_id   A,B
#
loop_
_chem_comp.id
_chem_comp.type
_chem_comp.name
_chem_comp.formula
A1CJR non-polymer '(3S)-3-(4-bromophenyl)-3-[(9H-purine-6-carbonyl)amino]propanoic acid' 'C15 H12 Br N5 O3'
A1CJS non-polymer '(3R)-3-(4-bromophenyl)-3-[(9H-purine-6-carbonyl)amino]propanoic acid' 'C15 H12 Br N5 O3'
#
# COMPACT_ATOMS: atom_id res chain seq x y z
N VAL A 3 18.61 3.01 15.32
CA VAL A 3 19.07 4.36 14.99
C VAL A 3 19.24 4.52 13.48
N ASN A 4 18.72 5.62 12.95
CA ASN A 4 18.86 5.95 11.53
C ASN A 4 19.37 7.37 11.36
N SER A 5 19.54 7.79 10.11
N SER A 5 19.51 7.80 10.11
CA SER A 5 20.20 9.03 9.76
CA SER A 5 20.19 9.03 9.77
C SER A 5 19.26 10.22 9.65
C SER A 5 19.25 10.19 9.46
N PHE A 6 17.95 10.02 9.82
N PHE A 6 17.94 10.00 9.55
CA PHE A 6 17.02 11.13 9.71
CA PHE A 6 17.00 11.10 9.34
C PHE A 6 17.21 12.11 10.86
C PHE A 6 17.24 12.16 10.41
N SER A 7 17.25 13.40 10.55
N SER A 7 17.90 13.26 10.02
CA SER A 7 17.60 14.43 11.52
CA SER A 7 18.36 14.27 10.95
C SER A 7 16.58 15.57 11.49
C SER A 7 17.36 15.41 11.04
N GLY A 8 16.29 16.13 12.68
N GLY A 8 17.06 15.85 12.26
CA GLY A 8 15.44 17.30 12.77
CA GLY A 8 16.23 17.02 12.49
C GLY A 8 13.96 17.04 12.66
C GLY A 8 14.74 16.78 12.47
N TYR A 9 13.52 15.78 12.77
N TYR A 9 14.30 15.53 12.43
CA TYR A 9 12.10 15.47 12.68
CA TYR A 9 12.88 15.24 12.34
C TYR A 9 11.42 15.63 14.03
C TYR A 9 12.20 15.29 13.70
N LEU A 10 10.17 16.07 13.98
N LEU A 10 10.99 15.84 13.72
CA LEU A 10 9.27 16.04 15.14
CA LEU A 10 10.16 15.89 14.92
C LEU A 10 8.58 14.67 15.17
C LEU A 10 9.33 14.62 15.03
N LYS A 11 8.53 14.06 16.36
N LYS A 11 9.25 14.09 16.23
CA LYS A 11 7.92 12.75 16.53
CA LYS A 11 8.51 12.86 16.49
C LYS A 11 6.43 12.95 16.78
C LYS A 11 7.04 13.20 16.68
N LEU A 12 5.58 12.38 15.92
N LEU A 12 6.18 12.60 15.84
CA LEU A 12 4.13 12.49 16.13
CA LEU A 12 4.74 12.77 15.97
C LEU A 12 3.58 11.29 16.91
C LEU A 12 4.09 11.62 16.73
N THR A 13 4.04 10.09 16.60
N THR A 13 4.44 10.38 16.41
CA THR A 13 3.57 8.85 17.23
CA THR A 13 3.93 9.21 17.08
C THR A 13 4.76 7.91 17.37
C THR A 13 5.10 8.24 17.29
N ASP A 14 4.48 6.69 17.82
N ASP A 14 4.75 7.02 17.70
CA ASP A 14 5.52 5.68 17.92
CA ASP A 14 5.76 5.98 17.89
C ASP A 14 6.32 5.57 16.61
C ASP A 14 6.54 5.68 16.62
N ASN A 15 5.64 5.68 15.46
N ASN A 15 5.94 5.90 15.45
CA ASN A 15 6.26 5.33 14.19
CA ASN A 15 6.58 5.52 14.20
C ASN A 15 6.19 6.41 13.12
C ASN A 15 6.61 6.60 13.12
N VAL A 16 5.56 7.55 13.37
N VAL A 16 6.01 7.76 13.36
CA VAL A 16 5.39 8.62 12.39
CA VAL A 16 5.90 8.80 12.34
C VAL A 16 6.14 9.87 12.85
C VAL A 16 6.68 10.02 12.80
N TYR A 17 6.95 10.42 11.96
N TYR A 17 7.50 10.56 11.89
CA TYR A 17 7.79 11.60 12.17
CA TYR A 17 8.33 11.74 12.13
C TYR A 17 7.53 12.59 11.05
C TYR A 17 8.08 12.72 10.99
N ILE A 18 7.74 13.89 11.32
N ILE A 18 8.36 14.00 11.23
CA ILE A 18 7.41 14.92 10.33
CA ILE A 18 8.02 15.02 10.25
C ILE A 18 8.41 16.07 10.40
C ILE A 18 9.06 16.13 10.28
N LYS A 19 8.68 16.68 9.23
N LYS A 19 9.39 16.64 9.10
CA LYS A 19 9.66 17.76 9.12
CA LYS A 19 10.35 17.74 8.96
C LYS A 19 9.26 18.68 7.97
C LYS A 19 9.89 18.64 7.82
N ASN A 20 9.53 19.98 8.15
N ASN A 20 9.88 19.95 8.05
CA ASN A 20 9.43 20.93 7.03
CA ASN A 20 9.57 20.91 7.00
C ASN A 20 10.69 20.78 6.19
C ASN A 20 10.77 21.02 6.07
N ALA A 21 10.54 20.17 5.01
N ALA A 21 10.84 20.17 5.05
CA ALA A 21 11.71 19.89 4.20
CA ALA A 21 12.02 20.10 4.22
C ALA A 21 11.28 19.64 2.76
C ALA A 21 11.67 19.63 2.82
N ASP A 22 12.21 19.90 1.84
N ASP A 22 12.63 19.82 1.92
CA ASP A 22 12.08 19.53 0.43
CA ASP A 22 12.55 19.39 0.53
C ASP A 22 12.51 18.08 0.31
C ASP A 22 12.82 17.90 0.48
N ILE A 23 11.57 17.20 -0.06
N ILE A 23 11.92 17.13 -0.15
CA ILE A 23 11.85 15.77 -0.11
CA ILE A 23 12.08 15.68 -0.19
C ILE A 23 13.02 15.47 -1.04
C ILE A 23 13.26 15.29 -1.06
N VAL A 24 13.20 16.29 -2.08
N VAL A 24 13.53 16.06 -2.12
CA VAL A 24 14.34 16.09 -2.99
CA VAL A 24 14.72 15.81 -2.93
C VAL A 24 15.65 16.30 -2.23
C VAL A 24 15.99 16.10 -2.14
N GLU A 25 15.78 17.43 -1.53
N GLU A 25 15.97 17.14 -1.31
CA GLU A 25 17.02 17.70 -0.79
CA GLU A 25 17.14 17.44 -0.47
C GLU A 25 17.20 16.71 0.35
C GLU A 25 17.27 16.44 0.67
N GLU A 26 16.10 16.31 0.99
N GLU A 26 16.14 15.98 1.23
CA GLU A 26 16.20 15.33 2.06
CA GLU A 26 16.22 14.95 2.26
C GLU A 26 16.69 13.99 1.54
C GLU A 26 16.73 13.64 1.69
N ALA A 27 16.16 13.54 0.40
N ALA A 27 16.41 13.34 0.43
CA ALA A 27 16.59 12.27 -0.17
CA ALA A 27 16.95 12.14 -0.21
C ALA A 27 18.07 12.31 -0.54
C ALA A 27 18.40 12.34 -0.64
N LYS A 28 18.52 13.39 -1.16
N LYS A 28 18.73 13.52 -1.17
CA LYS A 28 19.93 13.46 -1.56
CA LYS A 28 20.12 13.82 -1.51
C LYS A 28 20.86 13.39 -0.36
C LYS A 28 21.03 13.80 -0.29
N LYS A 29 20.42 13.90 0.80
N LYS A 29 20.47 14.00 0.90
CA LYS A 29 21.27 13.92 1.99
CA LYS A 29 21.25 13.99 2.13
C LYS A 29 21.27 12.57 2.69
C LYS A 29 21.27 12.62 2.80
N VAL A 30 20.09 11.99 2.91
CA VAL A 30 20.00 10.73 3.66
C VAL A 30 20.30 9.50 2.80
N LYS A 31 19.97 9.53 1.52
CA LYS A 31 20.01 8.34 0.66
C LYS A 31 19.23 7.20 1.31
N PRO A 32 17.96 7.40 1.59
CA PRO A 32 17.18 6.37 2.30
C PRO A 32 17.05 5.12 1.45
N THR A 33 16.75 4.02 2.13
CA THR A 33 16.44 2.79 1.41
C THR A 33 15.25 2.99 0.48
N VAL A 34 14.24 3.72 0.94
CA VAL A 34 13.01 3.93 0.17
C VAL A 34 12.61 5.41 0.24
N VAL A 35 12.46 6.04 -0.93
CA VAL A 35 11.75 7.30 -1.04
C VAL A 35 10.43 7.02 -1.75
N VAL A 36 9.36 7.61 -1.23
CA VAL A 36 8.04 7.47 -1.82
C VAL A 36 7.81 8.62 -2.80
N ASN A 37 7.33 8.26 -4.01
CA ASN A 37 6.85 9.23 -4.97
C ASN A 37 5.33 9.29 -4.95
N ALA A 38 4.81 10.52 -5.04
N ALA A 38 4.77 10.49 -5.06
CA ALA A 38 3.41 10.83 -5.24
CA ALA A 38 3.31 10.65 -5.14
C ALA A 38 3.09 10.64 -6.72
C ALA A 38 2.91 10.63 -6.61
N ALA A 39 2.90 9.39 -7.11
N ALA A 39 2.75 9.43 -7.14
CA ALA A 39 2.76 9.00 -8.51
CA ALA A 39 2.61 9.21 -8.57
C ALA A 39 1.30 9.09 -8.97
C ALA A 39 1.15 9.12 -9.01
N ASN A 40 1.14 9.08 -10.30
N ASN A 40 0.93 9.24 -10.31
CA ASN A 40 -0.15 8.78 -10.93
CA ASN A 40 -0.33 8.90 -10.95
C ASN A 40 -0.08 7.43 -11.62
C ASN A 40 -0.22 7.53 -11.60
N VAL A 41 -1.23 6.93 -12.07
N VAL A 41 -1.36 7.05 -12.13
CA VAL A 41 -1.28 5.56 -12.59
CA VAL A 41 -1.44 5.67 -12.61
C VAL A 41 -0.43 5.37 -13.82
C VAL A 41 -0.56 5.41 -13.84
N TYR A 42 -0.17 6.45 -14.57
CA TYR A 42 0.63 6.35 -15.78
C TYR A 42 2.12 6.58 -15.53
N LEU A 43 2.49 6.84 -14.27
CA LEU A 43 3.86 7.20 -13.91
C LEU A 43 4.37 8.34 -14.79
N LYS A 44 3.52 9.32 -15.05
N LYS A 44 3.51 9.31 -15.06
CA LYS A 44 3.91 10.53 -15.78
CA LYS A 44 3.90 10.52 -15.79
C LYS A 44 4.26 11.58 -14.73
C LYS A 44 4.23 11.58 -14.75
N HIS A 45 5.56 11.82 -14.56
N HIS A 45 5.52 11.82 -14.56
CA HIS A 45 6.06 12.59 -13.43
CA HIS A 45 6.00 12.68 -13.48
C HIS A 45 6.23 14.06 -13.83
C HIS A 45 6.12 14.10 -14.01
N GLY A 46 5.09 14.71 -14.06
N GLY A 46 5.10 14.91 -13.75
CA GLY A 46 5.11 16.03 -14.68
CA GLY A 46 5.07 16.25 -14.30
C GLY A 46 5.25 17.20 -13.73
C GLY A 46 5.34 17.34 -13.29
N GLY A 47 4.74 17.06 -12.51
N GLY A 47 4.73 17.25 -12.11
CA GLY A 47 4.64 18.18 -11.61
CA GLY A 47 4.81 18.33 -11.15
C GLY A 47 4.48 17.67 -10.19
C GLY A 47 4.70 17.81 -9.73
N GLY A 48 4.35 18.61 -9.27
N GLY A 48 4.74 18.75 -8.79
CA GLY A 48 4.27 18.24 -7.87
CA GLY A 48 4.69 18.37 -7.39
C GLY A 48 5.54 17.54 -7.41
C GLY A 48 5.86 17.48 -7.03
N VAL A 49 5.39 16.70 -6.39
N VAL A 49 5.60 16.50 -6.18
CA VAL A 49 6.51 15.92 -5.88
CA VAL A 49 6.64 15.56 -5.79
C VAL A 49 7.14 15.08 -6.99
C VAL A 49 7.15 14.79 -6.98
N ALA A 50 6.31 14.42 -7.80
N ALA A 50 6.25 14.34 -7.86
CA ALA A 50 6.85 13.53 -8.84
CA ALA A 50 6.65 13.51 -8.98
C ALA A 50 7.69 14.31 -9.84
C ALA A 50 7.61 14.25 -9.91
N GLY A 51 7.20 15.46 -10.28
N GLY A 51 7.24 15.45 -10.34
CA GLY A 51 7.98 16.25 -11.21
CA GLY A 51 8.12 16.22 -11.20
C GLY A 51 9.31 16.67 -10.62
C GLY A 51 9.42 16.61 -10.50
N ALA A 52 9.32 17.02 -9.33
N ALA A 52 9.35 16.86 -9.20
CA ALA A 52 10.56 17.42 -8.68
CA ALA A 52 10.56 17.23 -8.46
C ALA A 52 11.52 16.26 -8.52
C ALA A 52 11.53 16.06 -8.37
N LEU A 53 11.03 15.11 -8.05
N LEU A 53 11.03 14.87 -8.01
CA LEU A 53 11.90 13.94 -7.91
CA LEU A 53 11.91 13.71 -7.95
C LEU A 53 12.47 13.55 -9.27
C LEU A 53 12.48 13.39 -9.33
N ASN A 54 11.62 13.50 -10.30
N ASN A 54 11.65 13.47 -10.38
CA ASN A 54 12.11 13.09 -11.61
CA ASN A 54 12.13 13.12 -11.72
C ASN A 54 13.17 14.07 -12.13
C ASN A 54 13.17 14.13 -12.21
N LYS A 55 12.94 15.37 -11.98
N LYS A 55 12.95 15.42 -11.96
CA LYS A 55 13.91 16.37 -12.40
CA LYS A 55 13.91 16.42 -12.38
C LYS A 55 15.25 16.12 -11.71
C LYS A 55 15.25 16.20 -11.70
N ALA A 56 15.24 15.79 -10.42
CA ALA A 56 16.47 15.53 -9.69
C ALA A 56 17.22 14.32 -10.22
N THR A 57 16.53 13.38 -10.86
CA THR A 57 17.18 12.23 -11.51
C THR A 57 17.57 12.50 -12.95
N ASN A 58 17.46 13.74 -13.42
CA ASN A 58 17.81 14.08 -14.79
C ASN A 58 16.94 13.29 -15.79
N ASN A 59 15.69 13.03 -15.43
CA ASN A 59 14.69 12.33 -16.24
C ASN A 59 14.90 10.81 -16.27
N ALA A 60 15.89 10.27 -15.56
CA ALA A 60 16.06 8.82 -15.55
C ALA A 60 14.87 8.11 -14.94
N MET A 61 14.23 8.72 -13.94
CA MET A 61 13.03 8.14 -13.36
C MET A 61 11.94 7.99 -14.41
N GLN A 62 11.74 9.01 -15.25
CA GLN A 62 10.72 8.95 -16.29
C GLN A 62 11.04 7.88 -17.32
N VAL A 63 12.30 7.77 -17.73
CA VAL A 63 12.69 6.76 -18.72
C VAL A 63 12.39 5.36 -18.18
N GLU A 64 12.79 5.10 -16.94
CA GLU A 64 12.53 3.81 -16.31
C GLU A 64 11.03 3.56 -16.20
N SER A 65 10.28 4.60 -15.82
CA SER A 65 8.84 4.48 -15.65
C SER A 65 8.14 4.17 -16.96
N ASP A 66 8.58 4.79 -18.06
CA ASP A 66 7.94 4.53 -19.34
C ASP A 66 8.13 3.08 -19.76
N ASP A 67 9.30 2.51 -19.50
CA ASP A 67 9.50 1.09 -19.76
C ASP A 67 8.60 0.23 -18.87
N TYR A 68 8.46 0.61 -17.59
CA TYR A 68 7.59 -0.14 -16.69
C TYR A 68 6.16 -0.17 -17.22
N ILE A 69 5.63 0.99 -17.64
CA ILE A 69 4.26 1.06 -18.12
C ILE A 69 4.10 0.30 -19.43
N ALA A 70 5.08 0.41 -20.32
CA ALA A 70 4.99 -0.33 -21.58
C ALA A 70 4.89 -1.83 -21.35
N THR A 71 5.53 -2.33 -20.29
CA THR A 71 5.51 -3.76 -19.99
C THR A 71 4.26 -4.16 -19.22
N ASN A 72 3.86 -3.36 -18.23
CA ASN A 72 2.91 -3.77 -17.21
C ASN A 72 1.57 -3.07 -17.28
N GLY A 73 1.45 -1.98 -18.02
CA GLY A 73 0.27 -1.17 -17.99
C GLY A 73 0.18 -0.31 -16.74
N PRO A 74 -0.86 0.50 -16.67
CA PRO A 74 -1.00 1.46 -15.56
C PRO A 74 -1.17 0.78 -14.21
N LEU A 75 -0.76 1.51 -13.19
CA LEU A 75 -1.07 1.13 -11.82
C LEU A 75 -2.56 1.34 -11.54
N LYS A 76 -3.00 0.82 -10.40
CA LYS A 76 -4.32 1.11 -9.83
C LYS A 76 -4.22 2.32 -8.91
N VAL A 77 -5.29 3.13 -8.86
CA VAL A 77 -5.38 4.12 -7.78
C VAL A 77 -5.42 3.37 -6.46
N GLY A 78 -4.55 3.76 -5.52
CA GLY A 78 -4.34 3.03 -4.30
C GLY A 78 -3.20 2.05 -4.36
N GLY A 79 -2.63 1.80 -5.55
CA GLY A 79 -1.57 0.83 -5.74
C GLY A 79 -0.19 1.47 -5.79
N SER A 80 0.80 0.61 -6.06
CA SER A 80 2.19 1.04 -6.03
C SER A 80 3.04 0.10 -6.86
N CYS A 81 4.26 0.56 -7.15
CA CYS A 81 5.30 -0.32 -7.64
C CYS A 81 6.64 0.17 -7.10
N VAL A 82 7.58 -0.76 -7.00
CA VAL A 82 8.94 -0.45 -6.57
C VAL A 82 9.83 -0.36 -7.81
N LEU A 83 10.49 0.79 -7.97
CA LEU A 83 11.44 1.00 -9.03
C LEU A 83 12.73 1.51 -8.41
N SER A 84 13.71 1.84 -9.26
CA SER A 84 14.98 2.35 -8.76
C SER A 84 14.79 3.69 -8.07
N GLY A 85 15.61 3.95 -7.06
CA GLY A 85 15.70 5.27 -6.48
C GLY A 85 16.72 6.17 -7.14
N HIS A 86 17.42 5.68 -8.16
CA HIS A 86 18.38 6.48 -8.93
C HIS A 86 19.39 7.08 -7.97
N ASN A 87 19.69 8.37 -8.10
CA ASN A 87 20.64 9.08 -7.25
C ASN A 87 20.03 9.56 -5.95
N LEU A 88 18.77 9.22 -5.67
CA LEU A 88 18.07 9.75 -4.51
C LEU A 88 17.93 8.77 -3.35
N ALA A 89 17.91 7.48 -3.65
CA ALA A 89 17.56 6.44 -2.68
C ALA A 89 17.89 5.12 -3.34
N LYS A 90 17.91 4.05 -2.53
N LYS A 90 17.89 4.04 -2.54
CA LYS A 90 18.06 2.73 -3.13
CA LYS A 90 18.06 2.72 -3.13
C LYS A 90 16.87 2.43 -4.04
C LYS A 90 16.87 2.36 -4.01
N HIS A 91 15.66 2.60 -3.50
CA HIS A 91 14.42 2.30 -4.22
C HIS A 91 13.51 3.51 -4.15
N CYS A 92 12.67 3.63 -5.17
CA CYS A 92 11.53 4.53 -5.14
C CYS A 92 10.25 3.71 -5.14
N LEU A 93 9.42 3.90 -4.11
CA LEU A 93 8.09 3.34 -4.05
C LEU A 93 7.12 4.35 -4.65
N HIS A 94 6.66 4.07 -5.87
CA HIS A 94 5.69 4.94 -6.54
C HIS A 94 4.32 4.56 -6.04
N VAL A 95 3.65 5.46 -5.32
CA VAL A 95 2.36 5.18 -4.71
C VAL A 95 1.34 6.14 -5.30
N VAL A 96 0.19 5.61 -5.72
N VAL A 96 0.22 5.59 -5.77
CA VAL A 96 -0.87 6.41 -6.31
CA VAL A 96 -0.84 6.38 -6.37
C VAL A 96 -1.95 6.68 -5.28
C VAL A 96 -1.92 6.57 -5.31
N GLY A 97 -1.95 7.86 -4.70
N GLY A 97 -2.06 7.80 -4.83
CA GLY A 97 -3.09 8.31 -3.93
CA GLY A 97 -3.18 8.16 -4.00
C GLY A 97 -4.17 8.83 -4.86
C GLY A 97 -4.31 8.70 -4.85
N PRO A 98 -5.41 8.84 -4.41
N PRO A 98 -5.49 8.84 -4.26
CA PRO A 98 -6.48 9.42 -5.23
CA PRO A 98 -6.63 9.37 -5.02
C PRO A 98 -6.24 10.91 -5.46
C PRO A 98 -6.43 10.83 -5.36
N ASN A 99 -6.53 11.35 -6.70
N ASN A 99 -6.87 11.21 -6.56
CA ASN A 99 -6.44 12.75 -7.08
CA ASN A 99 -6.84 12.60 -7.02
C ASN A 99 -7.85 13.32 -7.04
C ASN A 99 -8.27 13.11 -6.99
N VAL A 100 -8.11 14.20 -6.06
N VAL A 100 -8.62 13.81 -5.90
CA VAL A 100 -9.43 14.82 -5.92
CA VAL A 100 -9.95 14.37 -5.74
C VAL A 100 -9.78 15.63 -7.15
C VAL A 100 -10.26 15.46 -6.76
N ASN A 101 -8.79 16.24 -7.80
N ASN A 101 -9.24 16.08 -7.36
CA ASN A 101 -9.06 17.01 -9.00
CA ASN A 101 -9.49 16.96 -8.50
C ASN A 101 -9.38 16.12 -10.20
C ASN A 101 -10.08 16.20 -9.67
N LYS A 102 -9.42 14.79 -10.02
N LYS A 102 -9.65 14.94 -9.87
CA LYS A 102 -9.91 13.85 -11.02
CA LYS A 102 -10.28 14.06 -10.84
C LYS A 102 -11.18 13.14 -10.58
C LYS A 102 -11.48 13.32 -10.26
N GLY A 103 -11.70 13.42 -9.39
N GLY A 103 -11.88 13.65 -9.03
CA GLY A 103 -12.91 12.78 -8.93
CA GLY A 103 -13.04 13.04 -8.43
C GLY A 103 -12.74 11.43 -8.27
C GLY A 103 -12.84 11.64 -7.91
N GLU A 104 -11.53 11.10 -7.81
N GLU A 104 -11.60 11.23 -7.64
CA GLU A 104 -11.24 9.78 -7.31
CA GLU A 104 -11.33 9.87 -7.22
C GLU A 104 -11.60 9.66 -5.83
C GLU A 104 -11.65 9.68 -5.73
N ASP A 105 -12.01 8.45 -5.43
N ASP A 105 -11.98 8.43 -5.38
CA ASP A 105 -12.58 8.19 -4.11
CA ASP A 105 -12.50 8.12 -4.06
C ASP A 105 -11.52 8.39 -3.03
C ASP A 105 -11.44 8.38 -3.00
N ILE A 106 -11.79 9.30 -2.10
N ILE A 106 -11.73 9.30 -2.08
CA ILE A 106 -10.82 9.59 -1.05
CA ILE A 106 -10.79 9.61 -1.01
C ILE A 106 -10.59 8.40 -0.14
C ILE A 106 -10.57 8.44 -0.08
N GLN A 107 -11.56 7.48 -0.05
N GLN A 107 -11.51 7.50 -0.02
CA GLN A 107 -11.36 6.27 0.73
CA GLN A 107 -11.30 6.29 0.77
C GLN A 107 -10.16 5.48 0.24
C GLN A 107 -10.15 5.45 0.24
N LEU A 108 -9.77 5.64 -1.02
CA LEU A 108 -8.60 4.95 -1.55
C LEU A 108 -7.31 5.44 -0.92
N LEU A 109 -7.35 6.55 -0.17
CA LEU A 109 -6.14 7.04 0.46
C LEU A 109 -5.61 6.03 1.48
N LYS A 110 -6.49 5.35 2.21
CA LYS A 110 -6.02 4.35 3.16
C LYS A 110 -5.32 3.21 2.43
N SER A 111 -5.90 2.73 1.33
CA SER A 111 -5.26 1.68 0.53
C SER A 111 -3.88 2.13 0.06
N ALA A 112 -3.77 3.39 -0.36
CA ALA A 112 -2.49 3.91 -0.82
C ALA A 112 -1.45 3.85 0.29
N TYR A 113 -1.81 4.31 1.50
CA TYR A 113 -0.86 4.26 2.61
C TYR A 113 -0.50 2.84 3.03
N GLU A 114 -1.40 1.86 2.82
CA GLU A 114 -1.08 0.48 3.19
C GLU A 114 0.18 -0.01 2.48
N ASN A 115 0.47 0.52 1.28
CA ASN A 115 1.68 0.11 0.60
C ASN A 115 2.93 0.39 1.43
N PHE A 116 2.90 1.41 2.28
CA PHE A 116 4.07 1.75 3.08
C PHE A 116 4.44 0.61 4.04
N ASN A 117 3.45 -0.20 4.44
CA ASN A 117 3.71 -1.24 5.44
C ASN A 117 4.59 -2.36 4.92
N GLN A 118 4.84 -2.40 3.61
CA GLN A 118 5.74 -3.39 3.03
C GLN A 118 7.21 -2.98 3.15
N HIS A 119 7.50 -1.85 3.80
CA HIS A 119 8.85 -1.32 3.91
C HIS A 119 9.09 -0.85 5.34
N GLU A 120 10.22 -1.27 5.92
CA GLU A 120 10.45 -1.01 7.34
C GLU A 120 10.63 0.48 7.65
N VAL A 121 11.24 1.23 6.73
CA VAL A 121 11.52 2.65 6.91
C VAL A 121 11.36 3.34 5.56
N LEU A 122 10.69 4.51 5.56
CA LEU A 122 10.47 5.25 4.32
C LEU A 122 10.57 6.74 4.57
N LEU A 123 11.07 7.46 3.57
N LEU A 123 11.08 7.45 3.56
CA LEU A 123 10.92 8.91 3.43
CA LEU A 123 11.00 8.91 3.46
C LEU A 123 9.76 9.15 2.48
C LEU A 123 9.92 9.22 2.44
N ALA A 124 8.82 10.03 2.86
N ALA A 124 8.89 9.94 2.86
CA ALA A 124 7.60 10.12 2.09
CA ALA A 124 7.70 10.12 2.03
C ALA A 124 6.97 11.50 2.15
C ALA A 124 7.20 11.56 2.09
N PRO A 125 6.20 11.87 1.13
N PRO A 125 6.44 11.98 1.07
CA PRO A 125 5.32 13.03 1.21
CA PRO A 125 5.61 13.18 1.20
C PRO A 125 3.97 12.60 1.74
C PRO A 125 4.23 12.82 1.71
N LEU A 126 3.14 13.58 2.08
N LEU A 126 3.36 13.81 1.90
CA LEU A 126 1.75 13.30 2.37
CA LEU A 126 1.99 13.57 2.36
C LEU A 126 1.01 12.94 1.09
C LEU A 126 1.13 13.25 1.14
N LEU A 127 0.46 11.74 1.05
N LEU A 127 0.65 12.01 1.04
CA LEU A 127 -0.24 11.27 -0.13
CA LEU A 127 -0.07 11.59 -0.16
C LEU A 127 -1.50 12.08 -0.36
C LEU A 127 -1.35 12.37 -0.37
N SER A 128 -1.77 12.33 -1.63
N SER A 128 -1.53 12.88 -1.59
CA SER A 128 -2.94 13.04 -2.12
CA SER A 128 -2.75 13.53 -2.06
C SER A 128 -2.94 14.53 -1.76
C SER A 128 -3.02 14.89 -1.41
N ALA A 129 -1.86 15.06 -1.14
N ALA A 129 -2.02 15.52 -0.78
CA ALA A 129 -1.77 16.47 -0.82
CA ALA A 129 -2.24 16.76 -0.04
C ALA A 129 -1.30 17.24 -2.05
C ALA A 129 -2.02 18.02 -0.86
N GLY A 130 -1.08 18.55 -1.87
N GLY A 130 -1.54 17.91 -2.11
CA GLY A 130 -0.58 19.36 -2.97
CA GLY A 130 -1.28 19.09 -2.92
C GLY A 130 -1.55 19.32 -4.13
C GLY A 130 -2.22 19.19 -4.10
N ILE A 131 -0.99 19.14 -5.34
N ILE A 131 -1.69 19.01 -5.32
CA ILE A 131 -1.79 19.18 -6.55
CA ILE A 131 -2.51 19.15 -6.52
C ILE A 131 -2.76 18.01 -6.69
C ILE A 131 -3.42 17.95 -6.74
N PHE A 132 -2.69 17.01 -5.80
N PHE A 132 -3.37 16.95 -5.85
CA PHE A 132 -3.71 15.96 -5.81
CA PHE A 132 -4.36 15.87 -5.91
C PHE A 132 -4.99 16.38 -5.09
C PHE A 132 -5.68 16.26 -5.25
N GLY A 133 -5.01 17.53 -4.42
N GLY A 133 -5.69 17.31 -4.43
CA GLY A 133 -6.26 18.16 -4.03
CA GLY A 133 -6.93 17.92 -4.00
C GLY A 133 -6.89 17.72 -2.72
C GLY A 133 -7.63 17.31 -2.81
N ALA A 134 -6.32 16.76 -2.00
N ALA A 134 -6.90 16.69 -1.89
CA ALA A 134 -6.91 16.37 -0.73
CA ALA A 134 -7.48 16.09 -0.70
C ALA A 134 -6.46 17.30 0.38
C ALA A 134 -7.15 16.93 0.53
N ASP A 135 -7.17 17.25 1.50
N ASP A 135 -7.89 16.67 1.60
CA ASP A 135 -6.81 18.01 2.70
CA ASP A 135 -7.69 17.36 2.87
C ASP A 135 -5.58 17.37 3.34
C ASP A 135 -6.35 16.93 3.47
N PRO A 136 -4.45 18.08 3.43
N PRO A 136 -5.40 17.85 3.65
CA PRO A 136 -3.25 17.47 4.04
CA PRO A 136 -4.11 17.43 4.23
C PRO A 136 -3.42 17.06 5.50
C PRO A 136 -4.22 16.94 5.65
N ILE A 137 -4.26 17.78 6.25
N ILE A 137 -5.02 17.60 6.49
CA ILE A 137 -4.52 17.36 7.63
CA ILE A 137 -5.24 17.10 7.84
C ILE A 137 -5.14 15.98 7.64
C ILE A 137 -5.77 15.67 7.80
N HIS A 138 -6.08 15.73 6.72
N HIS A 138 -6.73 15.40 6.91
CA HIS A 138 -6.68 14.42 6.60
CA HIS A 138 -7.26 14.04 6.80
C HIS A 138 -5.64 13.38 6.16
C HIS A 138 -6.18 13.06 6.35
N SER A 139 -4.79 13.73 5.20
N SER A 139 -5.29 13.49 5.45
CA SER A 139 -3.77 12.80 4.76
CA SER A 139 -4.28 12.58 4.94
C SER A 139 -2.88 12.37 5.92
C SER A 139 -3.27 12.21 6.01
N LEU A 140 -2.52 13.32 6.80
N LEU A 140 -2.73 13.20 6.73
CA LEU A 140 -1.70 12.97 7.95
CA LEU A 140 -1.79 12.92 7.81
C LEU A 140 -2.44 12.02 8.89
C LEU A 140 -2.44 12.03 8.87
N ARG A 141 -3.73 12.28 9.12
CA ARG A 141 -4.51 11.40 9.99
C ARG A 141 -4.55 9.98 9.46
N VAL A 142 -4.83 9.83 8.16
CA VAL A 142 -4.87 8.50 7.56
C VAL A 142 -3.50 7.84 7.66
N CYS A 143 -2.43 8.60 7.40
CA CYS A 143 -1.09 8.06 7.52
C CYS A 143 -0.87 7.47 8.90
N VAL A 144 -1.13 8.27 9.93
CA VAL A 144 -0.87 7.83 11.30
C VAL A 144 -1.70 6.61 11.65
N ASP A 145 -2.93 6.55 11.15
CA ASP A 145 -3.85 5.46 11.49
C ASP A 145 -3.69 4.24 10.58
N THR A 146 -2.81 4.29 9.59
CA THR A 146 -2.66 3.19 8.64
C THR A 146 -1.25 2.62 8.61
N VAL A 147 -0.24 3.49 8.59
CA VAL A 147 1.14 3.05 8.48
C VAL A 147 1.63 2.60 9.85
N ARG A 148 2.20 1.40 9.89
CA ARG A 148 2.77 0.84 11.10
C ARG A 148 4.29 0.78 11.08
N THR A 149 4.89 0.91 9.89
CA THR A 149 6.33 0.97 9.75
C THR A 149 6.79 2.40 9.97
N ASN A 150 8.10 2.62 9.95
CA ASN A 150 8.66 3.91 10.35
C ASN A 150 8.67 4.86 9.17
N VAL A 151 7.88 5.93 9.26
CA VAL A 151 7.72 6.86 8.15
C VAL A 151 8.18 8.25 8.57
N TYR A 152 9.02 8.83 7.72
CA TYR A 152 9.57 10.16 7.88
C TYR A 152 8.95 11.03 6.80
N LEU A 153 8.04 11.92 7.21
CA LEU A 153 7.28 12.75 6.29
C LEU A 153 7.97 14.08 6.08
N ALA A 154 8.15 14.44 4.81
N ALA A 154 8.27 14.39 4.81
CA ALA A 154 8.68 15.74 4.41
CA ALA A 154 8.95 15.62 4.44
C ALA A 154 7.53 16.58 3.88
C ALA A 154 7.92 16.56 3.81
N VAL A 155 7.34 17.76 4.47
N VAL A 155 7.66 17.69 4.45
CA VAL A 155 6.31 18.71 4.08
CA VAL A 155 6.61 18.61 4.04
C VAL A 155 7.02 19.95 3.56
C VAL A 155 7.26 19.82 3.38
N PHE A 156 6.88 20.23 2.26
N PHE A 156 6.73 20.21 2.22
CA PHE A 156 7.64 21.30 1.62
CA PHE A 156 7.31 21.29 1.43
C PHE A 156 7.26 22.67 2.17
C PHE A 156 6.83 22.66 1.92
N ASP A 157 5.96 22.90 2.37
N ASP A 157 5.52 22.87 1.95
CA ASP A 157 5.48 24.24 2.71
CA ASP A 157 4.97 24.18 2.29
C ASP A 157 5.59 24.45 4.22
C ASP A 157 5.09 24.42 3.79
N LYS A 158 6.34 25.50 4.62
N LYS A 158 5.71 25.53 4.16
CA LYS A 158 6.53 25.76 6.04
CA LYS A 158 5.92 25.84 5.57
C LYS A 158 5.21 26.11 6.71
C LYS A 158 4.60 26.09 6.29
N ASN A 159 4.39 26.95 6.07
N ASN A 159 3.67 26.80 5.64
CA ASN A 159 3.11 27.29 6.66
CA ASN A 159 2.39 27.07 6.27
C ASN A 159 2.24 26.05 6.86
C ASN A 159 1.55 25.80 6.39
N LEU A 160 2.22 25.14 5.89
N LEU A 160 1.64 24.90 5.43
CA LEU A 160 1.45 23.91 6.04
CA LEU A 160 1.00 23.59 5.58
C LEU A 160 2.02 23.04 7.14
C LEU A 160 1.59 22.82 6.76
N TYR A 161 3.35 22.92 7.22
N TYR A 161 2.92 22.83 6.89
CA TYR A 161 3.98 22.14 8.27
CA TYR A 161 3.58 22.11 7.98
C TYR A 161 3.53 22.61 9.65
C TYR A 161 3.20 22.71 9.32
N ASP A 162 3.57 23.92 9.89
N ASP A 162 3.27 24.04 9.44
CA ASP A 162 3.17 24.45 11.20
CA ASP A 162 2.84 24.70 10.67
C ASP A 162 1.71 24.14 11.49
C ASP A 162 1.39 24.35 10.99
N LYS A 163 0.85 24.25 10.47
N LYS A 163 0.54 24.26 9.95
CA LYS A 163 -0.56 23.93 10.68
CA LYS A 163 -0.85 23.92 10.16
C LYS A 163 -0.74 22.44 10.98
C LYS A 163 -1.02 22.50 10.69
N LEU A 164 0.01 21.58 10.30
N LEU A 164 -0.28 21.54 10.12
CA LEU A 164 -0.10 20.15 10.52
CA LEU A 164 -0.41 20.15 10.54
C LEU A 164 0.29 19.79 11.95
C LEU A 164 0.10 19.94 11.96
N VAL A 165 1.40 20.36 12.43
N VAL A 165 1.13 20.68 12.36
CA VAL A 165 1.85 20.10 13.80
CA VAL A 165 1.68 20.52 13.70
C VAL A 165 0.84 20.66 14.78
C VAL A 165 0.65 20.92 14.76
N SER A 166 0.47 21.94 14.61
N SER A 166 -0.09 22.00 14.51
CA SER A 166 -0.36 22.62 15.59
CA SER A 166 -0.96 22.59 15.51
C SER A 166 -1.74 21.99 15.71
C SER A 166 -2.38 22.03 15.50
N SER A 167 -2.23 21.34 14.65
N SER A 167 -2.75 21.19 14.53
CA SER A 167 -3.56 20.76 14.64
CA SER A 167 -4.08 20.60 14.45
C SER A 167 -3.55 19.25 14.88
C SER A 167 -4.05 19.10 14.63
N PHE A 168 -2.39 18.65 15.12
N PHE A 168 -2.90 18.53 14.96
CA PHE A 168 -2.33 17.20 15.23
CA PHE A 168 -2.75 17.08 15.06
C PHE A 168 -2.89 16.72 16.55
C PHE A 168 -3.39 16.59 16.36
N LEU A 169 -3.78 15.73 16.48
N LEU A 169 -4.49 15.86 16.24
CA LEU A 169 -4.36 15.17 17.70
CA LEU A 169 -5.20 15.34 17.40
C LEU A 169 -3.55 13.94 18.10
C LEU A 169 -4.49 14.11 17.97
N SER B 1 -21.61 -14.16 -20.01
CA SER B 1 -20.90 -15.12 -19.13
C SER B 1 -21.01 -14.71 -17.65
N MET B 2 -20.85 -15.71 -16.79
N MET B 2 -20.87 -15.71 -16.78
CA MET B 2 -21.00 -15.54 -15.35
CA MET B 2 -21.00 -15.55 -15.35
C MET B 2 -19.62 -15.61 -14.71
C MET B 2 -19.61 -15.61 -14.70
N VAL B 3 -19.20 -14.52 -14.09
CA VAL B 3 -17.98 -14.47 -13.29
C VAL B 3 -18.36 -13.88 -11.93
N ASN B 4 -17.59 -14.22 -10.92
CA ASN B 4 -17.84 -13.73 -9.57
C ASN B 4 -19.28 -14.03 -9.12
N SER B 5 -19.76 -15.23 -9.44
N SER B 5 -19.76 -15.22 -9.46
CA SER B 5 -21.13 -15.62 -9.10
CA SER B 5 -21.12 -15.62 -9.09
C SER B 5 -21.12 -16.40 -7.78
C SER B 5 -21.10 -16.40 -7.79
N PHE B 6 -20.83 -15.66 -6.71
CA PHE B 6 -20.79 -16.25 -5.37
C PHE B 6 -22.22 -16.49 -4.90
N SER B 7 -22.44 -17.66 -4.29
CA SER B 7 -23.76 -18.02 -3.79
C SER B 7 -23.63 -18.85 -2.52
N GLY B 8 -24.59 -18.68 -1.63
CA GLY B 8 -24.61 -19.46 -0.41
C GLY B 8 -23.71 -18.97 0.69
N TYR B 9 -23.23 -17.72 0.59
CA TYR B 9 -22.36 -17.17 1.62
C TYR B 9 -23.17 -16.50 2.72
N LEU B 10 -22.63 -16.58 3.94
CA LEU B 10 -23.19 -15.92 5.09
C LEU B 10 -22.47 -14.59 5.27
N LYS B 11 -23.24 -13.52 5.44
N LYS B 11 -23.25 -13.53 5.47
CA LYS B 11 -22.70 -12.19 5.60
CA LYS B 11 -22.71 -12.18 5.61
C LYS B 11 -22.22 -12.02 7.04
C LYS B 11 -22.24 -11.97 7.05
N LEU B 12 -20.95 -11.66 7.22
CA LEU B 12 -20.40 -11.33 8.54
C LEU B 12 -20.36 -9.82 8.75
N THR B 13 -19.84 -9.09 7.78
CA THR B 13 -19.84 -7.64 7.77
C THR B 13 -20.29 -7.18 6.39
N ASP B 14 -20.31 -5.86 6.19
CA ASP B 14 -20.74 -5.33 4.90
C ASP B 14 -19.88 -5.83 3.74
N ASN B 15 -18.65 -6.26 4.01
CA ASN B 15 -17.76 -6.68 2.93
C ASN B 15 -17.11 -8.05 3.12
N VAL B 16 -17.41 -8.76 4.22
CA VAL B 16 -16.80 -10.06 4.49
C VAL B 16 -17.91 -11.10 4.55
N TYR B 17 -17.77 -12.14 3.74
CA TYR B 17 -18.73 -13.22 3.61
C TYR B 17 -18.01 -14.55 3.82
N ILE B 18 -18.74 -15.57 4.26
CA ILE B 18 -18.10 -16.84 4.60
C ILE B 18 -18.99 -18.01 4.18
N LYS B 19 -18.36 -19.11 3.77
CA LYS B 19 -19.08 -20.29 3.33
C LYS B 19 -18.28 -21.53 3.70
N ASN B 20 -19.00 -22.59 4.06
CA ASN B 20 -18.38 -23.90 4.25
C ASN B 20 -18.23 -24.54 2.88
N ALA B 21 -17.02 -24.54 2.34
CA ALA B 21 -16.80 -25.00 0.98
C ALA B 21 -15.33 -25.31 0.75
N ASP B 22 -15.10 -26.16 -0.25
CA ASP B 22 -13.78 -26.47 -0.79
C ASP B 22 -13.42 -25.36 -1.78
N ILE B 23 -12.34 -24.64 -1.51
CA ILE B 23 -12.01 -23.44 -2.29
C ILE B 23 -11.74 -23.77 -3.76
N VAL B 24 -11.21 -24.96 -4.06
CA VAL B 24 -11.02 -25.36 -5.46
C VAL B 24 -12.35 -25.53 -6.16
N GLU B 25 -13.28 -26.26 -5.53
CA GLU B 25 -14.60 -26.44 -6.12
C GLU B 25 -15.32 -25.11 -6.23
N GLU B 26 -15.17 -24.24 -5.23
N GLU B 26 -15.17 -24.25 -5.22
CA GLU B 26 -15.77 -22.92 -5.28
CA GLU B 26 -15.76 -22.91 -5.26
C GLU B 26 -15.22 -22.12 -6.45
C GLU B 26 -15.22 -22.11 -6.44
N ALA B 27 -13.89 -22.13 -6.62
CA ALA B 27 -13.30 -21.37 -7.72
C ALA B 27 -13.86 -21.83 -9.06
N LYS B 28 -13.98 -23.15 -9.25
CA LYS B 28 -14.47 -23.65 -10.53
C LYS B 28 -15.92 -23.27 -10.76
N LYS B 29 -16.72 -23.14 -9.70
CA LYS B 29 -18.13 -22.79 -9.83
C LYS B 29 -18.32 -21.28 -9.98
N VAL B 30 -17.68 -20.50 -9.12
CA VAL B 30 -17.90 -19.05 -9.03
C VAL B 30 -17.24 -18.32 -10.18
N LYS B 31 -16.16 -18.86 -10.73
N LYS B 31 -16.16 -18.87 -10.71
CA LYS B 31 -15.35 -18.20 -11.74
CA LYS B 31 -15.34 -18.22 -11.72
C LYS B 31 -14.90 -16.82 -11.28
C LYS B 31 -14.90 -16.82 -11.27
N PRO B 32 -14.15 -16.73 -10.18
CA PRO B 32 -13.77 -15.42 -9.64
C PRO B 32 -12.69 -14.75 -10.47
N THR B 33 -12.69 -13.41 -10.44
CA THR B 33 -11.57 -12.67 -10.99
C THR B 33 -10.28 -12.99 -10.25
N VAL B 34 -10.36 -13.16 -8.93
CA VAL B 34 -9.17 -13.39 -8.10
C VAL B 34 -9.46 -14.52 -7.13
N VAL B 35 -8.60 -15.54 -7.14
CA VAL B 35 -8.53 -16.49 -6.03
C VAL B 35 -7.23 -16.24 -5.29
N VAL B 36 -7.29 -16.22 -3.97
CA VAL B 36 -6.12 -16.03 -3.13
C VAL B 36 -5.51 -17.38 -2.80
N ASN B 37 -4.19 -17.49 -2.95
CA ASN B 37 -3.43 -18.62 -2.48
C ASN B 37 -2.75 -18.28 -1.16
N ALA B 38 -2.75 -19.27 -0.25
CA ALA B 38 -2.00 -19.23 1.00
C ALA B 38 -0.56 -19.65 0.69
N ALA B 39 0.21 -18.69 0.18
CA ALA B 39 1.53 -18.92 -0.36
C ALA B 39 2.62 -18.80 0.72
N ASN B 40 3.80 -19.28 0.36
CA ASN B 40 5.03 -19.00 1.09
C ASN B 40 5.98 -18.18 0.19
N VAL B 41 7.07 -17.71 0.77
CA VAL B 41 7.89 -16.71 0.08
C VAL B 41 8.52 -17.23 -1.20
N TYR B 42 8.77 -18.55 -1.30
CA TYR B 42 9.34 -19.12 -2.51
C TYR B 42 8.29 -19.75 -3.41
N LEU B 43 7.01 -19.53 -3.12
CA LEU B 43 5.93 -20.03 -3.95
C LEU B 43 6.07 -21.52 -4.21
N LYS B 44 6.42 -22.27 -3.15
CA LYS B 44 6.48 -23.73 -3.21
C LYS B 44 5.16 -24.25 -2.68
N HIS B 45 4.32 -24.75 -3.59
CA HIS B 45 2.91 -25.03 -3.29
C HIS B 45 2.76 -26.49 -2.87
N GLY B 46 3.23 -26.79 -1.67
CA GLY B 46 3.27 -28.17 -1.22
C GLY B 46 2.00 -28.69 -0.57
N GLY B 47 1.51 -27.98 0.44
CA GLY B 47 0.47 -28.51 1.30
C GLY B 47 -0.69 -27.55 1.43
N GLY B 48 -1.71 -28.00 2.17
CA GLY B 48 -2.84 -27.14 2.45
C GLY B 48 -3.45 -26.57 1.19
N VAL B 49 -3.86 -25.30 1.30
CA VAL B 49 -4.53 -24.63 0.19
C VAL B 49 -3.63 -24.60 -1.04
N ALA B 50 -2.36 -24.22 -0.87
CA ALA B 50 -1.48 -24.07 -2.03
C ALA B 50 -1.32 -25.40 -2.76
N GLY B 51 -1.15 -26.49 -2.03
CA GLY B 51 -1.05 -27.78 -2.69
C GLY B 51 -2.29 -28.13 -3.46
N ALA B 52 -3.46 -27.83 -2.90
CA ALA B 52 -4.71 -28.14 -3.58
C ALA B 52 -4.91 -27.28 -4.82
N LEU B 53 -4.64 -25.98 -4.73
CA LEU B 53 -4.76 -25.13 -5.91
C LEU B 53 -3.81 -25.58 -7.00
N ASN B 54 -2.56 -25.85 -6.64
CA ASN B 54 -1.59 -26.25 -7.65
C ASN B 54 -1.99 -27.56 -8.30
N LYS B 55 -2.43 -28.53 -7.51
CA LYS B 55 -2.88 -29.80 -8.06
C LYS B 55 -4.01 -29.60 -9.06
N ALA B 56 -4.95 -28.70 -8.75
CA ALA B 56 -6.07 -28.46 -9.66
C ALA B 56 -5.59 -27.93 -10.99
N THR B 57 -4.46 -27.21 -11.00
CA THR B 57 -3.88 -26.68 -12.24
C THR B 57 -2.96 -27.68 -12.93
N ASN B 58 -2.90 -28.92 -12.43
CA ASN B 58 -2.01 -29.93 -13.00
C ASN B 58 -0.57 -29.45 -13.01
N ASN B 59 -0.16 -28.77 -11.94
CA ASN B 59 1.20 -28.29 -11.69
C ASN B 59 1.57 -27.05 -12.51
N ALA B 60 0.65 -26.53 -13.33
CA ALA B 60 0.99 -25.33 -14.11
C ALA B 60 1.28 -24.14 -13.20
N MET B 61 0.58 -24.05 -12.07
CA MET B 61 0.86 -22.98 -11.13
C MET B 61 2.29 -23.06 -10.61
N GLN B 62 2.77 -24.28 -10.30
CA GLN B 62 4.12 -24.40 -9.77
C GLN B 62 5.16 -24.03 -10.81
N VAL B 63 4.97 -24.47 -12.07
CA VAL B 63 5.92 -24.12 -13.11
C VAL B 63 6.00 -22.61 -13.29
N GLU B 64 4.83 -21.97 -13.35
CA GLU B 64 4.79 -20.51 -13.49
C GLU B 64 5.44 -19.83 -12.28
N SER B 65 5.19 -20.35 -11.09
CA SER B 65 5.74 -19.78 -9.87
C SER B 65 7.27 -19.88 -9.84
N ASP B 66 7.81 -21.03 -10.23
CA ASP B 66 9.26 -21.18 -10.25
C ASP B 66 9.91 -20.18 -11.20
N ASP B 67 9.28 -19.94 -12.35
CA ASP B 67 9.80 -18.94 -13.27
C ASP B 67 9.72 -17.53 -12.67
N TYR B 68 8.62 -17.23 -11.98
CA TYR B 68 8.50 -15.94 -11.30
C TYR B 68 9.64 -15.74 -10.30
N ILE B 69 9.93 -16.78 -9.51
CA ILE B 69 10.99 -16.69 -8.51
C ILE B 69 12.35 -16.52 -9.16
N ALA B 70 12.61 -17.23 -10.25
CA ALA B 70 13.88 -17.08 -10.95
C ALA B 70 14.09 -15.63 -11.37
N THR B 71 13.02 -14.97 -11.83
CA THR B 71 13.13 -13.60 -12.33
C THR B 71 13.15 -12.56 -11.21
N ASN B 72 12.38 -12.79 -10.14
CA ASN B 72 12.09 -11.76 -9.16
C ASN B 72 12.61 -12.04 -7.76
N GLY B 73 13.01 -13.27 -7.45
CA GLY B 73 13.39 -13.62 -6.10
C GLY B 73 12.17 -13.80 -5.22
N PRO B 74 12.40 -14.20 -3.97
CA PRO B 74 11.30 -14.53 -3.08
C PRO B 74 10.50 -13.29 -2.66
N LEU B 75 9.25 -13.54 -2.31
CA LEU B 75 8.41 -12.52 -1.72
C LEU B 75 8.85 -12.24 -0.29
N LYS B 76 8.27 -11.19 0.30
CA LYS B 76 8.38 -10.90 1.73
C LYS B 76 7.19 -11.52 2.45
N VAL B 77 7.40 -11.98 3.69
CA VAL B 77 6.27 -12.31 4.54
C VAL B 77 5.42 -11.06 4.71
N GLY B 78 4.12 -11.19 4.46
CA GLY B 78 3.21 -10.07 4.41
C GLY B 78 2.98 -9.51 3.03
N GLY B 79 3.73 -9.97 2.03
CA GLY B 79 3.61 -9.49 0.67
C GLY B 79 2.82 -10.44 -0.23
N SER B 80 2.77 -10.07 -1.52
CA SER B 80 1.98 -10.82 -2.47
C SER B 80 2.51 -10.61 -3.89
N CYS B 81 2.04 -11.47 -4.79
CA CYS B 81 2.19 -11.21 -6.22
C CYS B 81 0.97 -11.74 -6.94
N VAL B 82 0.68 -11.16 -8.10
CA VAL B 82 -0.42 -11.58 -8.96
C VAL B 82 0.15 -12.45 -10.09
N LEU B 83 -0.36 -13.67 -10.21
CA LEU B 83 -0.02 -14.57 -11.30
C LEU B 83 -1.31 -15.06 -11.95
N SER B 84 -1.19 -15.95 -12.93
CA SER B 84 -2.37 -16.47 -13.59
C SER B 84 -3.22 -17.30 -12.63
N GLY B 85 -4.52 -17.29 -12.87
CA GLY B 85 -5.42 -18.17 -12.18
C GLY B 85 -5.70 -19.48 -12.88
N HIS B 86 -5.13 -19.73 -14.05
CA HIS B 86 -5.21 -21.05 -14.71
C HIS B 86 -6.67 -21.44 -14.90
N ASN B 87 -7.09 -22.63 -14.47
CA ASN B 87 -8.46 -23.09 -14.58
C ASN B 87 -9.30 -22.71 -13.38
N LEU B 88 -8.79 -21.86 -12.50
CA LEU B 88 -9.47 -21.50 -11.25
C LEU B 88 -10.04 -20.10 -11.23
N ALA B 89 -9.43 -19.16 -11.94
CA ALA B 89 -9.76 -17.75 -11.78
C ALA B 89 -9.02 -17.00 -12.88
N LYS B 90 -9.37 -15.73 -13.07
CA LYS B 90 -8.57 -14.91 -13.97
C LYS B 90 -7.16 -14.80 -13.43
N HIS B 91 -7.03 -14.47 -12.15
CA HIS B 91 -5.76 -14.25 -11.47
C HIS B 91 -5.71 -15.05 -10.19
N CYS B 92 -4.50 -15.46 -9.81
CA CYS B 92 -4.23 -15.92 -8.45
C CYS B 92 -3.37 -14.88 -7.74
N LEU B 93 -3.88 -14.39 -6.62
CA LEU B 93 -3.13 -13.50 -5.74
C LEU B 93 -2.45 -14.38 -4.70
N HIS B 94 -1.13 -14.55 -4.82
CA HIS B 94 -0.35 -15.34 -3.90
C HIS B 94 0.02 -14.44 -2.73
N VAL B 95 -0.54 -14.70 -1.55
CA VAL B 95 -0.32 -13.85 -0.37
C VAL B 95 0.39 -14.66 0.68
N VAL B 96 1.45 -14.09 1.26
CA VAL B 96 2.24 -14.78 2.27
C VAL B 96 1.84 -14.25 3.65
N GLY B 97 1.06 -15.02 4.38
CA GLY B 97 0.82 -14.76 5.78
C GLY B 97 1.94 -15.34 6.62
N PRO B 98 2.12 -14.87 7.85
CA PRO B 98 3.13 -15.46 8.73
C PRO B 98 2.78 -16.89 9.07
N ASN B 99 3.79 -17.74 9.09
CA ASN B 99 3.66 -19.14 9.49
C ASN B 99 4.12 -19.25 10.94
N VAL B 100 3.16 -19.31 11.87
CA VAL B 100 3.46 -19.44 13.29
C VAL B 100 4.16 -20.76 13.59
N ASN B 101 3.87 -21.81 12.82
CA ASN B 101 4.57 -23.08 13.00
C ASN B 101 6.04 -22.98 12.64
N LYS B 102 6.43 -21.90 11.96
CA LYS B 102 7.83 -21.63 11.63
C LYS B 102 8.39 -20.46 12.45
N GLY B 103 7.67 -20.02 13.47
CA GLY B 103 8.16 -18.97 14.35
C GLY B 103 7.99 -17.56 13.83
N GLU B 104 7.25 -17.37 12.74
CA GLU B 104 7.13 -16.05 12.14
C GLU B 104 6.12 -15.20 12.91
N ASP B 105 6.32 -13.89 12.87
CA ASP B 105 5.58 -12.98 13.74
C ASP B 105 4.14 -12.86 13.29
N ILE B 106 3.22 -13.33 14.15
CA ILE B 106 1.79 -13.20 13.88
C ILE B 106 1.39 -11.76 13.60
N GLN B 107 2.16 -10.79 14.07
CA GLN B 107 1.84 -9.39 13.83
C GLN B 107 1.81 -9.04 12.34
N LEU B 108 2.49 -9.81 11.49
CA LEU B 108 2.54 -9.56 10.04
C LEU B 108 1.26 -9.96 9.33
N LEU B 109 0.29 -10.52 10.05
CA LEU B 109 -0.95 -10.95 9.42
C LEU B 109 -1.74 -9.77 8.89
N LYS B 110 -1.72 -8.63 9.58
CA LYS B 110 -2.46 -7.47 9.08
C LYS B 110 -1.89 -7.00 7.75
N SER B 111 -0.56 -6.90 7.64
CA SER B 111 0.07 -6.54 6.37
C SER B 111 -0.34 -7.51 5.27
N ALA B 112 -0.38 -8.80 5.58
CA ALA B 112 -0.78 -9.80 4.58
C ALA B 112 -2.19 -9.52 4.07
N TYR B 113 -3.13 -9.27 4.99
CA TYR B 113 -4.49 -8.99 4.57
C TYR B 113 -4.62 -7.68 3.78
N GLU B 114 -3.75 -6.70 4.04
CA GLU B 114 -3.84 -5.45 3.30
C GLU B 114 -3.71 -5.67 1.80
N ASN B 115 -3.04 -6.74 1.38
CA ASN B 115 -2.95 -7.03 -0.06
C ASN B 115 -4.32 -7.18 -0.68
N PHE B 116 -5.30 -7.69 0.09
CA PHE B 116 -6.62 -7.92 -0.47
C PHE B 116 -7.26 -6.62 -0.92
N ASN B 117 -6.89 -5.48 -0.31
CA ASN B 117 -7.54 -4.22 -0.63
C ASN B 117 -7.21 -3.71 -2.01
N GLN B 118 -6.26 -4.34 -2.70
CA GLN B 118 -5.93 -3.97 -4.07
C GLN B 118 -6.83 -4.65 -5.10
N HIS B 119 -7.85 -5.39 -4.64
CA HIS B 119 -8.76 -6.12 -5.53
C HIS B 119 -10.19 -5.93 -5.04
N GLU B 120 -11.09 -5.59 -5.96
N GLU B 120 -11.10 -5.59 -5.96
CA GLU B 120 -12.44 -5.24 -5.54
CA GLU B 120 -12.45 -5.23 -5.54
C GLU B 120 -13.20 -6.42 -4.97
C GLU B 120 -13.22 -6.43 -4.98
N VAL B 121 -12.94 -7.63 -5.47
CA VAL B 121 -13.62 -8.84 -4.99
C VAL B 121 -12.67 -10.02 -5.11
N LEU B 122 -12.64 -10.88 -4.08
CA LEU B 122 -11.73 -12.01 -4.01
C LEU B 122 -12.43 -13.21 -3.39
N LEU B 123 -12.07 -14.40 -3.87
CA LEU B 123 -12.32 -15.67 -3.19
C LEU B 123 -11.05 -16.04 -2.44
N ALA B 124 -11.16 -16.34 -1.14
CA ALA B 124 -9.94 -16.46 -0.34
C ALA B 124 -10.09 -17.48 0.77
N PRO B 125 -8.97 -18.05 1.22
CA PRO B 125 -8.90 -18.76 2.49
C PRO B 125 -8.56 -17.77 3.61
N LEU B 126 -8.70 -18.24 4.85
CA LEU B 126 -8.20 -17.48 5.99
C LEU B 126 -6.68 -17.56 6.04
N LEU B 127 -6.03 -16.40 5.99
CA LEU B 127 -4.58 -16.37 5.96
C LEU B 127 -4.00 -16.85 7.30
N SER B 128 -2.87 -17.52 7.20
CA SER B 128 -2.10 -18.04 8.30
C SER B 128 -2.83 -19.14 9.08
N ALA B 129 -3.99 -19.59 8.61
CA ALA B 129 -4.72 -20.67 9.26
C ALA B 129 -4.14 -22.02 8.84
N GLY B 130 -4.69 -23.07 9.44
CA GLY B 130 -4.37 -24.41 9.01
C GLY B 130 -2.91 -24.73 9.26
N ILE B 131 -2.24 -25.18 8.19
CA ILE B 131 -0.85 -25.60 8.30
C ILE B 131 0.08 -24.45 8.64
N PHE B 132 -0.39 -23.19 8.54
CA PHE B 132 0.41 -22.04 8.96
C PHE B 132 0.32 -21.77 10.46
N GLY B 133 -0.62 -22.40 11.19
CA GLY B 133 -0.55 -22.47 12.64
C GLY B 133 -1.20 -21.34 13.43
N ALA B 134 -1.74 -20.31 12.79
CA ALA B 134 -2.39 -19.26 13.55
C ALA B 134 -3.80 -19.68 13.96
N ASP B 135 -4.32 -19.02 14.97
CA ASP B 135 -5.70 -19.24 15.41
C ASP B 135 -6.64 -18.73 14.32
N PRO B 136 -7.46 -19.59 13.71
CA PRO B 136 -8.34 -19.09 12.64
C PRO B 136 -9.33 -18.04 13.12
N ILE B 137 -9.74 -18.07 14.39
CA ILE B 137 -10.60 -17.03 14.94
C ILE B 137 -9.90 -15.68 14.87
N HIS B 138 -8.61 -15.66 15.20
CA HIS B 138 -7.84 -14.43 15.08
C HIS B 138 -7.68 -14.02 13.63
N SER B 139 -7.43 -14.97 12.73
CA SER B 139 -7.30 -14.61 11.33
C SER B 139 -8.57 -13.96 10.81
N LEU B 140 -9.73 -14.48 11.20
CA LEU B 140 -10.98 -13.86 10.77
C LEU B 140 -11.11 -12.46 11.34
N ARG B 141 -10.72 -12.27 12.60
CA ARG B 141 -10.71 -10.95 13.23
C ARG B 141 -9.88 -9.97 12.43
N VAL B 142 -8.65 -10.36 12.10
CA VAL B 142 -7.78 -9.45 11.36
C VAL B 142 -8.37 -9.19 9.97
N CYS B 143 -8.93 -10.22 9.34
CA CYS B 143 -9.56 -10.03 8.04
C CYS B 143 -10.65 -8.96 8.12
N VAL B 144 -11.58 -9.10 9.06
CA VAL B 144 -12.68 -8.15 9.15
C VAL B 144 -12.19 -6.75 9.47
N ASP B 145 -11.13 -6.63 10.27
CA ASP B 145 -10.63 -5.34 10.70
C ASP B 145 -9.67 -4.71 9.70
N THR B 146 -9.31 -5.42 8.63
CA THR B 146 -8.32 -4.93 7.68
C THR B 146 -8.83 -4.83 6.26
N VAL B 147 -9.57 -5.83 5.80
CA VAL B 147 -10.03 -5.86 4.42
C VAL B 147 -11.27 -5.00 4.31
N ARG B 148 -11.28 -4.13 3.29
CA ARG B 148 -12.42 -3.27 3.00
C ARG B 148 -13.09 -3.62 1.68
N THR B 149 -12.40 -4.35 0.80
CA THR B 149 -12.98 -4.84 -0.44
C THR B 149 -13.78 -6.10 -0.14
N ASN B 150 -14.45 -6.65 -1.15
CA ASN B 150 -15.39 -7.73 -0.93
C ASN B 150 -14.65 -9.06 -0.93
N VAL B 151 -14.62 -9.72 0.22
CA VAL B 151 -13.89 -10.97 0.37
C VAL B 151 -14.87 -12.09 0.74
N TYR B 152 -14.80 -13.17 -0.04
CA TYR B 152 -15.61 -14.37 0.10
C TYR B 152 -14.69 -15.46 0.60
N LEU B 153 -14.85 -15.84 1.88
CA LEU B 153 -13.99 -16.79 2.55
C LEU B 153 -14.56 -18.20 2.44
N ALA B 154 -13.72 -19.14 2.03
CA ALA B 154 -14.08 -20.54 1.93
C ALA B 154 -13.39 -21.28 3.08
N VAL B 155 -14.18 -21.97 3.88
CA VAL B 155 -13.69 -22.76 5.00
C VAL B 155 -14.10 -24.21 4.75
N PHE B 156 -13.11 -25.10 4.63
CA PHE B 156 -13.38 -26.47 4.21
C PHE B 156 -14.12 -27.28 5.27
N ASP B 157 -13.65 -27.23 6.51
CA ASP B 157 -14.19 -28.08 7.57
C ASP B 157 -15.44 -27.44 8.17
N LYS B 158 -16.58 -28.13 8.05
CA LYS B 158 -17.83 -27.65 8.64
C LYS B 158 -17.68 -27.31 10.12
N ASN B 159 -16.91 -28.10 10.86
CA ASN B 159 -16.78 -27.86 12.29
C ASN B 159 -16.00 -26.59 12.57
N LEU B 160 -14.99 -26.28 11.76
CA LEU B 160 -14.28 -25.01 11.92
C LEU B 160 -15.17 -23.86 11.48
N TYR B 161 -15.89 -24.04 10.37
CA TYR B 161 -16.85 -23.02 9.93
C TYR B 161 -17.80 -22.66 11.06
N ASP B 162 -18.37 -23.68 11.70
CA ASP B 162 -19.32 -23.42 12.80
C ASP B 162 -18.65 -22.67 13.94
N LYS B 163 -17.42 -23.05 14.30
CA LYS B 163 -16.70 -22.35 15.36
C LYS B 163 -16.47 -20.88 15.00
N LEU B 164 -16.11 -20.62 13.75
CA LEU B 164 -15.84 -19.26 13.29
C LEU B 164 -17.11 -18.42 13.31
N VAL B 165 -18.21 -18.95 12.76
CA VAL B 165 -19.45 -18.19 12.68
C VAL B 165 -20.04 -17.98 14.07
N SER B 166 -20.11 -19.07 14.84
CA SER B 166 -20.79 -19.01 16.13
C SER B 166 -20.06 -18.10 17.09
N SER B 167 -18.75 -17.94 16.97
CA SER B 167 -17.98 -17.09 17.88
C SER B 167 -17.74 -15.68 17.36
N PHE B 168 -18.12 -15.38 16.11
CA PHE B 168 -17.83 -14.04 15.57
C PHE B 168 -18.67 -12.96 16.25
N LEU B 169 -19.89 -13.32 16.66
CA LEU B 169 -20.80 -12.38 17.29
C LEU B 169 -21.73 -13.05 18.30
N2 A1CJR C . 6.84 17.63 -0.43
C3 A1CJR C . 2.59 19.68 -1.66
C6 A1CJR C . 0.39 22.40 -0.30
C9 A1CJR C . 2.81 22.21 -1.79
C12 A1CJR C . 6.96 18.17 -1.70
C14 A1CJR C . 8.32 18.37 -2.06
C1 A1CJR C . 3.73 19.62 0.68
C10 A1CJR C . 4.57 18.43 -2.37
C11 A1CJR C . 6.02 18.57 -2.68
C13 A1CJR C . 8.12 17.50 -0.06
C15 A1CJR C . 7.79 19.21 -4.05
C2 A1CJR C . 2.63 19.08 -0.22
C4 A1CJR C . 2.09 21.07 -1.39
C5 A1CJR C . 0.91 21.15 -0.64
C7 A1CJR C . 1.10 23.53 -0.71
C8 A1CJR C . 2.28 23.47 -1.45
N1 A1CJR C . 3.98 19.58 -2.08
N3 A1CJR C . 9.02 17.91 -0.95
N4 A1CJR C . 8.80 18.88 -3.22
N5 A1CJR C . 6.47 19.10 -3.86
O1 A1CJR C . 4.01 17.33 -2.34
O2 A1CJR C . 3.75 20.85 0.90
O3 A1CJR C . 4.51 18.77 1.17
BR1 A1CJR C . 0.36 25.18 -0.22
H3 A1CJR C . 1.93 19.10 -2.31
H5 A1CJR C . -0.52 22.47 0.26
H7 A1CJR C . 3.72 22.14 -2.36
H9 A1CJR C . 8.40 17.10 0.91
H11 A1CJR C . 8.09 19.63 -5.00
H2 A1CJR C . 2.84 18.07 -0.35
H1 A1CJR C . 1.70 19.12 0.34
H4 A1CJR C . 0.39 20.26 -0.33
H6 A1CJR C . 2.79 24.37 -1.76
H8 A1CJR C . 4.53 20.43 -2.08
H10 A1CJR C . 10.01 17.90 -0.83
O1 A1CJS D . 6.20 18.05 -1.77
C1 A1CJS D . 4.14 19.63 0.28
C2 A1CJS D . 3.55 18.47 -0.52
C3 A1CJS D . 3.25 18.75 -2.01
C4 A1CJS D . 2.50 17.59 -2.66
C5 A1CJS D . 2.44 16.33 -2.04
C6 A1CJS D . 1.74 15.26 -2.65
C7 A1CJS D . 1.08 15.46 -3.87
C8 A1CJS D . 1.14 16.73 -4.49
C10 A1CJS D . 5.74 18.78 -2.66
C11 A1CJS D . 6.61 19.40 -3.72
C12 A1CJS D . 8.03 19.38 -3.74
C13 A1CJS D . 10.13 19.17 -3.49
C14 A1CJS D . 8.66 20.03 -4.84
C15 A1CJS D . 6.71 20.61 -5.74
C9 A1CJS D . 1.84 17.79 -3.90
N1 A1CJS D . 4.44 19.11 -2.78
N2 A1CJS D . 8.99 18.84 -2.87
N3 A1CJS D . 10.02 19.87 -4.63
N4 A1CJS D . 8.04 20.66 -5.88
N5 A1CJS D . 6.00 20.04 -4.76
O2 A1CJS D . 4.89 19.32 1.23
O3 A1CJS D . 3.83 20.79 -0.05
BR1 A1CJS D . 0.12 14.05 -4.70
H2 A1CJS D . 4.24 17.62 -0.46
H1 A1CJS D . 2.63 18.13 -0.02
H3 A1CJS D . 2.62 19.63 -2.06
H4 A1CJS D . 2.94 16.16 -1.09
H5 A1CJS D . 1.70 14.30 -2.16
H6 A1CJS D . 0.64 16.89 -5.44
H9 A1CJS D . 11.09 18.91 -3.08
H11 A1CJS D . 6.13 21.10 -6.52
H7 A1CJS D . 1.87 18.76 -4.38
H8 A1CJS D . 4.24 19.71 -3.55
H10 A1CJS D . 10.78 20.19 -5.20
#